data_8W9U
#
_entry.id   8W9U
#
_cell.length_a   39.763
_cell.length_b   46.959
_cell.length_c   50.090
_cell.angle_alpha   110.33
_cell.angle_beta   92.71
_cell.angle_gamma   106.56
#
_symmetry.space_group_name_H-M   'P 1'
#
loop_
_entity.id
_entity.type
_entity.pdbx_description
1 polymer "Putative tRNA (cytidine(34)-2'-O)-methyltransferase"
2 non-polymer 'SULFATE ION'
3 non-polymer S-ADENOSYL-L-HOMOCYSTEINE
4 non-polymer GLYCEROL
5 water water
#
_entity_poly.entity_id   1
_entity_poly.type   'polypeptide(L)'
_entity_poly.pdbx_seq_one_letter_code
;MAGSHHHHHHGMASMTGGQQMGRSGDDDDKVNIVALHVVLYQPEIPANTGNIARTCAATNTTLHLIRPLGFSTDDKMLKR
AGLDYWEFVNVVYHDSLEELFEAYKKGKFFFITKFGQQPHTSFDYTDLDEDYFFVFGRETSGLPKDLIQNNMDRCLRLPM
TEHVRSLNLSNTAAILVYEALRQQNYRDLK
;
_entity_poly.pdbx_strand_id   A,B
#
# COMPACT_ATOMS: atom_id res chain seq x y z
N ASN A 32 8.52 -0.51 -18.20
CA ASN A 32 7.10 -0.14 -18.13
C ASN A 32 6.52 0.19 -19.49
N ILE A 33 5.41 -0.44 -19.87
CA ILE A 33 4.73 0.02 -21.08
C ILE A 33 3.81 1.20 -20.74
N VAL A 34 3.05 1.13 -19.65
CA VAL A 34 2.38 2.34 -19.17
C VAL A 34 3.35 3.11 -18.30
N ALA A 35 3.49 4.40 -18.56
CA ALA A 35 4.47 5.22 -17.88
C ALA A 35 3.82 5.82 -16.64
N LEU A 36 4.25 5.36 -15.47
CA LEU A 36 3.70 5.82 -14.20
C LEU A 36 4.75 6.61 -13.43
N HIS A 37 4.27 7.60 -12.72
CA HIS A 37 5.14 8.47 -11.93
C HIS A 37 4.49 8.69 -10.58
N VAL A 38 5.31 8.73 -9.54
CA VAL A 38 4.88 9.08 -8.19
C VAL A 38 5.60 10.36 -7.82
N VAL A 39 4.85 11.37 -7.38
CA VAL A 39 5.43 12.65 -7.03
C VAL A 39 5.24 12.86 -5.53
N LEU A 40 6.35 13.14 -4.83
CA LEU A 40 6.31 13.46 -3.41
C LEU A 40 6.66 14.93 -3.24
N TYR A 41 5.67 15.71 -2.83
CA TYR A 41 5.83 17.13 -2.57
C TYR A 41 6.45 17.33 -1.19
N GLN A 42 7.67 17.87 -1.15
CA GLN A 42 8.39 18.20 0.07
C GLN A 42 8.28 17.08 1.13
N PRO A 43 8.70 15.86 0.81
CA PRO A 43 8.58 14.77 1.77
C PRO A 43 9.41 15.05 3.01
N GLU A 44 8.89 14.66 4.17
CA GLU A 44 9.49 15.01 5.45
C GLU A 44 10.23 13.86 6.11
N ILE A 45 9.77 12.63 5.96
CA ILE A 45 10.27 11.47 6.71
C ILE A 45 11.00 10.54 5.75
N PRO A 46 12.30 10.32 5.95
CA PRO A 46 13.06 9.52 4.97
C PRO A 46 12.61 8.08 4.87
N ALA A 47 12.15 7.48 5.97
CA ALA A 47 11.64 6.11 5.91
C ALA A 47 10.51 5.99 4.90
N ASN A 48 9.62 7.00 4.86
CA ASN A 48 8.55 6.99 3.86
C ASN A 48 9.09 7.02 2.45
N THR A 49 10.03 7.94 2.16
CA THR A 49 10.56 8.05 0.81
C THR A 49 11.33 6.80 0.40
N GLY A 50 12.11 6.24 1.33
CA GLY A 50 12.79 4.99 1.03
C GLY A 50 11.82 3.87 0.69
N ASN A 51 10.73 3.77 1.47
CA ASN A 51 9.75 2.73 1.20
C ASN A 51 9.05 2.95 -0.13
N ILE A 52 8.79 4.22 -0.47
CA ILE A 52 8.17 4.52 -1.76
C ILE A 52 9.13 4.24 -2.90
N ALA A 53 10.41 4.57 -2.72
CA ALA A 53 11.39 4.24 -3.75
C ALA A 53 11.48 2.73 -3.97
N ARG A 54 11.39 1.96 -2.90
CA ARG A 54 11.30 0.49 -2.99
C ARG A 54 10.09 0.07 -3.81
N THR A 55 8.92 0.65 -3.54
CA THR A 55 7.73 0.35 -4.34
C THR A 55 7.92 0.76 -5.80
N CYS A 56 8.55 1.91 -6.04
CA CYS A 56 8.78 2.32 -7.42
C CYS A 56 9.73 1.35 -8.12
N ALA A 57 10.84 0.99 -7.48
CA ALA A 57 11.74 0.02 -8.07
C ALA A 57 11.03 -1.30 -8.35
N ALA A 58 10.14 -1.72 -7.44
CA ALA A 58 9.39 -2.96 -7.62
C ALA A 58 8.40 -2.91 -8.77
N THR A 59 8.08 -1.72 -9.30
CA THR A 59 7.01 -1.59 -10.29
C THR A 59 7.44 -0.81 -11.53
N ASN A 60 8.71 -0.45 -11.65
CA ASN A 60 9.20 0.36 -12.77
C ASN A 60 8.49 1.71 -12.85
N THR A 61 8.21 2.30 -11.71
CA THR A 61 7.58 3.61 -11.63
C THR A 61 8.65 4.66 -11.36
N THR A 62 8.55 5.81 -12.02
CA THR A 62 9.49 6.89 -11.77
C THR A 62 9.10 7.64 -10.50
N LEU A 63 10.09 7.96 -9.67
CA LEU A 63 9.85 8.70 -8.44
C LEU A 63 10.37 10.13 -8.59
N HIS A 64 9.50 11.12 -8.37
CA HIS A 64 9.86 12.53 -8.43
C HIS A 64 9.76 13.10 -7.03
N LEU A 65 10.85 13.74 -6.60
CA LEU A 65 10.95 14.35 -5.27
C LEU A 65 11.00 15.87 -5.42
N ILE A 66 10.03 16.56 -4.83
CA ILE A 66 9.96 18.02 -4.94
C ILE A 66 10.64 18.61 -3.71
N ARG A 67 11.75 19.30 -3.96
CA ARG A 67 12.51 19.97 -2.91
C ARG A 67 11.72 21.17 -2.40
N PRO A 68 12.01 21.64 -1.17
CA PRO A 68 12.98 21.14 -0.19
C PRO A 68 12.52 19.84 0.48
N LEU A 69 13.46 18.90 0.65
CA LEU A 69 13.19 17.66 1.36
C LEU A 69 13.39 17.86 2.86
N GLY A 70 12.75 16.99 3.63
CA GLY A 70 12.93 17.03 5.06
C GLY A 70 14.14 16.30 5.57
N PHE A 71 15.01 15.86 4.67
CA PHE A 71 16.14 15.00 5.01
C PHE A 71 17.19 15.19 3.93
N SER A 72 18.40 14.73 4.23
CA SER A 72 19.39 14.78 3.16
C SER A 72 19.39 13.46 2.42
N THR A 73 19.84 13.50 1.18
CA THR A 73 19.82 12.32 0.32
C THR A 73 20.85 11.27 0.70
N ASP A 74 21.73 11.55 1.66
CA ASP A 74 22.57 10.52 2.25
C ASP A 74 21.99 9.96 3.56
N ASP A 75 20.72 10.25 3.83
CA ASP A 75 20.08 9.64 4.99
C ASP A 75 20.05 8.12 4.85
N LYS A 76 20.46 7.43 5.92
CA LYS A 76 20.51 5.97 5.88
C LYS A 76 19.13 5.35 5.71
N MET A 77 18.12 5.88 6.41
CA MET A 77 16.79 5.26 6.33
C MET A 77 16.19 5.38 4.94
N LEU A 78 16.89 6.03 4.02
CA LEU A 78 16.30 6.48 2.78
C LEU A 78 16.67 5.60 1.57
N TRP A 86 18.68 1.66 -4.35
CA TRP A 86 18.23 2.86 -5.03
C TRP A 86 18.77 2.90 -6.46
N GLU A 87 19.63 1.94 -6.79
CA GLU A 87 20.22 1.88 -8.12
C GLU A 87 19.30 1.23 -9.14
N PHE A 88 18.16 0.70 -8.71
CA PHE A 88 17.15 0.16 -9.61
C PHE A 88 15.90 1.01 -9.62
N VAL A 89 15.96 2.21 -9.07
CA VAL A 89 14.81 3.12 -9.07
C VAL A 89 15.21 4.40 -9.80
N ASN A 90 14.32 4.87 -10.65
CA ASN A 90 14.41 6.11 -11.44
C ASN A 90 13.95 7.26 -10.55
N VAL A 91 14.88 7.98 -9.93
CA VAL A 91 14.53 9.09 -9.03
C VAL A 91 14.94 10.41 -9.66
N VAL A 92 13.99 11.33 -9.77
CA VAL A 92 14.21 12.66 -10.33
C VAL A 92 13.91 13.68 -9.25
N TYR A 93 14.78 14.68 -9.12
CA TYR A 93 14.59 15.76 -8.17
C TYR A 93 14.15 17.02 -8.91
N HIS A 94 13.23 17.76 -8.29
CA HIS A 94 12.73 19.02 -8.84
C HIS A 94 12.75 20.07 -7.74
N ASP A 95 12.93 21.33 -8.15
CA ASP A 95 12.94 22.39 -7.16
C ASP A 95 11.55 22.97 -6.88
N SER A 96 10.53 22.58 -7.63
CA SER A 96 9.19 23.10 -7.44
C SER A 96 8.23 22.22 -8.22
N LEU A 97 6.96 22.25 -7.80
CA LEU A 97 5.89 21.63 -8.58
C LEU A 97 5.81 22.25 -9.97
N GLU A 98 5.93 23.57 -10.05
CA GLU A 98 5.83 24.24 -11.35
C GLU A 98 6.87 23.70 -12.30
N GLU A 99 8.10 23.46 -11.81
CA GLU A 99 9.14 22.86 -12.65
C GLU A 99 8.66 21.53 -13.23
N LEU A 100 8.07 20.69 -12.38
CA LEU A 100 7.58 19.40 -12.83
C LEU A 100 6.44 19.54 -13.85
N PHE A 101 5.47 20.43 -13.58
CA PHE A 101 4.35 20.60 -14.50
C PHE A 101 4.84 21.09 -15.87
N GLU A 102 5.77 22.03 -15.88
CA GLU A 102 6.26 22.53 -17.16
C GLU A 102 7.12 21.51 -17.89
N ALA A 103 7.75 20.58 -17.17
CA ALA A 103 8.58 19.57 -17.83
C ALA A 103 7.76 18.40 -18.38
N TYR A 104 6.50 18.27 -17.99
CA TYR A 104 5.59 17.26 -18.53
C TYR A 104 4.32 17.99 -18.96
N LYS A 105 4.44 18.84 -19.98
CA LYS A 105 3.29 19.60 -20.45
C LYS A 105 2.16 18.67 -20.85
N LYS A 106 2.47 17.45 -21.24
CA LYS A 106 1.47 16.50 -21.72
C LYS A 106 1.07 15.48 -20.65
N GLY A 107 1.62 15.57 -19.44
CA GLY A 107 1.33 14.58 -18.43
C GLY A 107 -0.10 14.66 -17.91
N LYS A 108 -0.58 13.53 -17.37
CA LYS A 108 -1.92 13.46 -16.78
C LYS A 108 -1.72 13.42 -15.28
N PHE A 109 -2.11 14.49 -14.59
CA PHE A 109 -1.82 14.61 -13.17
C PHE A 109 -3.05 14.33 -12.30
N PHE A 110 -2.83 13.57 -11.24
CA PHE A 110 -3.82 13.28 -10.23
C PHE A 110 -3.24 13.68 -8.88
N PHE A 111 -4.09 14.24 -8.03
CA PHE A 111 -3.65 14.74 -6.73
C PHE A 111 -4.34 13.91 -5.66
N ILE A 112 -3.54 13.29 -4.81
CA ILE A 112 -4.07 12.38 -3.81
C ILE A 112 -4.27 13.20 -2.55
N THR A 113 -5.53 13.36 -2.13
CA THR A 113 -5.87 14.23 -1.03
C THR A 113 -7.23 13.83 -0.48
N LYS A 114 -7.42 14.06 0.82
CA LYS A 114 -8.72 13.82 1.45
C LYS A 114 -9.82 14.74 0.93
N PHE A 115 -9.46 15.88 0.32
CA PHE A 115 -10.44 16.74 -0.33
C PHE A 115 -11.01 16.11 -1.59
N GLY A 116 -10.42 15.02 -2.07
CA GLY A 116 -10.95 14.37 -3.25
C GLY A 116 -12.35 13.85 -3.01
N GLN A 117 -13.17 13.89 -4.07
CA GLN A 117 -14.56 13.51 -3.99
C GLN A 117 -14.83 12.21 -4.75
N GLN A 118 -13.77 11.44 -5.00
CA GLN A 118 -13.86 10.21 -5.77
C GLN A 118 -12.67 9.36 -5.39
N PRO A 119 -12.79 8.04 -5.41
CA PRO A 119 -11.68 7.19 -4.99
C PRO A 119 -10.66 7.01 -6.09
N HIS A 120 -9.47 6.57 -5.65
CA HIS A 120 -8.35 6.35 -6.56
C HIS A 120 -8.67 5.34 -7.65
N THR A 121 -9.66 4.48 -7.43
CA THR A 121 -10.04 3.45 -8.37
C THR A 121 -11.04 3.93 -9.41
N SER A 122 -11.37 5.22 -9.41
CA SER A 122 -12.44 5.69 -10.28
C SER A 122 -11.94 6.21 -11.61
N PHE A 123 -10.63 6.10 -11.89
CA PHE A 123 -10.07 6.50 -13.18
C PHE A 123 -9.31 5.34 -13.81
N ASP A 124 -9.16 5.40 -15.13
CA ASP A 124 -8.41 4.40 -15.88
C ASP A 124 -6.97 4.84 -16.03
N TYR A 125 -6.03 3.94 -15.74
CA TYR A 125 -4.60 4.24 -15.84
C TYR A 125 -3.90 3.30 -16.82
N THR A 126 -4.55 2.99 -17.96
CA THR A 126 -4.02 1.99 -18.87
C THR A 126 -3.60 2.53 -20.23
N ASP A 127 -3.75 3.83 -20.48
CA ASP A 127 -3.39 4.37 -21.78
C ASP A 127 -1.89 4.33 -21.97
N LEU A 128 -1.44 3.75 -23.09
CA LEU A 128 -0.02 3.52 -23.32
C LEU A 128 0.70 4.74 -23.87
N ASP A 129 -0.02 5.83 -24.13
CA ASP A 129 0.59 7.04 -24.66
C ASP A 129 0.67 8.16 -23.63
N GLU A 130 0.23 7.91 -22.40
CA GLU A 130 0.18 8.93 -21.37
C GLU A 130 1.28 8.71 -20.34
N ASP A 131 1.80 9.81 -19.83
CA ASP A 131 2.55 9.80 -18.58
C ASP A 131 1.56 10.10 -17.47
N TYR A 132 1.37 9.15 -16.56
CA TYR A 132 0.45 9.33 -15.44
C TYR A 132 1.21 9.73 -14.19
N PHE A 133 0.74 10.79 -13.52
CA PHE A 133 1.37 11.24 -12.28
C PHE A 133 0.41 11.14 -11.11
N PHE A 134 0.87 10.48 -10.04
CA PHE A 134 0.19 10.54 -8.75
C PHE A 134 0.99 11.44 -7.82
N VAL A 135 0.37 12.53 -7.40
CA VAL A 135 1.03 13.57 -6.62
C VAL A 135 0.53 13.51 -5.18
N PHE A 136 1.47 13.39 -4.25
CA PHE A 136 1.20 13.19 -2.84
C PHE A 136 1.77 14.36 -2.05
N GLY A 137 1.06 14.77 -0.99
CA GLY A 137 1.48 15.90 -0.19
C GLY A 137 2.42 15.53 0.95
N ARG A 138 2.83 16.55 1.68
CA ARG A 138 3.71 16.34 2.82
C ARG A 138 2.97 15.58 3.91
N GLU A 139 3.73 14.79 4.67
CA GLU A 139 3.12 13.91 5.67
C GLU A 139 2.24 14.68 6.65
N THR A 140 2.64 15.87 7.05
CA THR A 140 1.87 16.63 8.03
C THR A 140 0.90 17.63 7.43
N SER A 141 1.22 18.25 6.30
CA SER A 141 0.42 19.36 5.81
C SER A 141 -0.26 19.12 4.47
N GLY A 142 0.01 18.03 3.79
CA GLY A 142 -0.69 17.79 2.54
C GLY A 142 -0.12 18.59 1.39
N LEU A 143 -0.96 18.79 0.37
CA LEU A 143 -0.61 19.52 -0.84
C LEU A 143 -1.01 20.99 -0.72
N PRO A 144 -0.37 21.87 -1.50
CA PRO A 144 -0.76 23.28 -1.49
C PRO A 144 -2.26 23.45 -1.74
N LYS A 145 -2.90 24.24 -0.89
CA LYS A 145 -4.36 24.37 -0.94
C LYS A 145 -4.83 24.89 -2.29
N ASP A 146 -4.15 25.89 -2.84
CA ASP A 146 -4.54 26.43 -4.14
C ASP A 146 -4.53 25.36 -5.22
N LEU A 147 -3.55 24.45 -5.15
CA LEU A 147 -3.46 23.40 -6.16
C LEU A 147 -4.69 22.48 -6.10
N ILE A 148 -5.07 22.10 -4.89
CA ILE A 148 -6.24 21.23 -4.72
C ILE A 148 -7.49 21.94 -5.21
N GLN A 149 -7.64 23.22 -4.84
CA GLN A 149 -8.86 23.97 -5.18
C GLN A 149 -9.05 24.13 -6.68
N ASN A 150 -7.97 24.26 -7.44
CA ASN A 150 -8.02 24.45 -8.88
C ASN A 150 -8.15 23.15 -9.65
N ASN A 151 -8.03 22.01 -8.99
CA ASN A 151 -7.91 20.72 -9.67
C ASN A 151 -8.74 19.68 -8.96
N MET A 152 -9.90 20.08 -8.44
CA MET A 152 -10.72 19.16 -7.68
C MET A 152 -11.13 17.96 -8.53
N ASP A 153 -11.35 18.17 -9.83
CA ASP A 153 -11.79 17.06 -10.66
C ASP A 153 -10.70 16.01 -10.89
N ARG A 154 -9.47 16.26 -10.44
CA ARG A 154 -8.40 15.28 -10.57
C ARG A 154 -7.87 14.88 -9.20
N CYS A 155 -8.63 15.18 -8.15
CA CYS A 155 -8.24 14.84 -6.80
C CYS A 155 -8.83 13.48 -6.40
N LEU A 156 -7.99 12.62 -5.83
CA LEU A 156 -8.34 11.25 -5.49
C LEU A 156 -8.25 11.07 -3.98
N ARG A 157 -9.27 10.47 -3.39
CA ARG A 157 -9.31 10.18 -1.97
C ARG A 157 -9.35 8.67 -1.78
N LEU A 158 -8.50 8.16 -0.89
CA LEU A 158 -8.65 6.79 -0.41
C LEU A 158 -9.80 6.71 0.60
N PRO A 159 -10.83 5.90 0.36
CA PRO A 159 -11.91 5.78 1.35
C PRO A 159 -11.39 5.27 2.69
N MET A 160 -11.92 5.83 3.77
CA MET A 160 -11.48 5.50 5.12
C MET A 160 -12.67 5.62 6.06
N THR A 161 -12.55 5.02 7.24
CA THR A 161 -13.47 5.34 8.32
C THR A 161 -13.19 6.76 8.83
N GLU A 162 -14.06 7.23 9.72
CA GLU A 162 -13.80 8.49 10.41
C GLU A 162 -12.81 8.34 11.55
N HIS A 163 -12.35 7.12 11.82
CA HIS A 163 -11.50 6.82 12.96
C HIS A 163 -10.07 7.30 12.81
N VAL A 164 -9.68 7.79 11.65
CA VAL A 164 -8.28 8.04 11.39
C VAL A 164 -8.16 9.21 10.43
N ARG A 165 -7.21 10.11 10.73
CA ARG A 165 -7.04 11.30 9.91
C ARG A 165 -6.63 10.94 8.49
N SER A 166 -5.61 10.10 8.36
CA SER A 166 -5.15 9.68 7.04
C SER A 166 -4.34 8.40 7.19
N LEU A 167 -3.98 7.82 6.06
CA LEU A 167 -3.09 6.67 6.05
C LEU A 167 -1.64 7.15 5.96
N ASN A 168 -0.73 6.23 6.24
CA ASN A 168 0.69 6.51 6.08
C ASN A 168 0.99 6.82 4.61
N LEU A 169 1.86 7.81 4.39
CA LEU A 169 2.16 8.25 3.03
C LEU A 169 2.64 7.09 2.17
N SER A 170 3.61 6.30 2.66
CA SER A 170 4.13 5.22 1.82
C SER A 170 3.05 4.18 1.53
N ASN A 171 2.14 3.93 2.49
CA ASN A 171 1.06 2.98 2.22
C ASN A 171 0.14 3.50 1.14
N THR A 172 -0.22 4.78 1.21
CA THR A 172 -1.08 5.37 0.19
C THR A 172 -0.43 5.29 -1.19
N ALA A 173 0.85 5.59 -1.29
CA ALA A 173 1.52 5.51 -2.58
C ALA A 173 1.51 4.09 -3.12
N ALA A 174 1.73 3.09 -2.24
CA ALA A 174 1.74 1.70 -2.68
C ALA A 174 0.38 1.29 -3.22
N ILE A 175 -0.69 1.75 -2.55
CA ILE A 175 -2.04 1.41 -2.98
C ILE A 175 -2.32 1.99 -4.35
N LEU A 176 -1.97 3.26 -4.54
CA LEU A 176 -2.18 3.90 -5.84
C LEU A 176 -1.44 3.17 -6.94
N VAL A 177 -0.15 2.88 -6.71
CA VAL A 177 0.65 2.23 -7.75
C VAL A 177 0.08 0.85 -8.06
N TYR A 178 -0.26 0.07 -7.04
CA TYR A 178 -0.75 -1.27 -7.35
C TYR A 178 -2.15 -1.27 -7.94
N GLU A 179 -2.95 -0.22 -7.70
CA GLU A 179 -4.22 -0.10 -8.42
C GLU A 179 -3.98 0.09 -9.92
N ALA A 180 -3.07 1.00 -10.29
CA ALA A 180 -2.76 1.18 -11.70
C ALA A 180 -2.19 -0.09 -12.32
N LEU A 181 -1.35 -0.81 -11.58
CA LEU A 181 -0.79 -2.06 -12.10
C LEU A 181 -1.87 -3.13 -12.25
N ARG A 182 -2.79 -3.21 -11.29
CA ARG A 182 -3.92 -4.12 -11.40
C ARG A 182 -4.67 -3.90 -12.71
N GLN A 183 -4.95 -2.63 -13.03
CA GLN A 183 -5.67 -2.33 -14.26
C GLN A 183 -4.92 -2.79 -15.49
N GLN A 184 -3.59 -2.85 -15.41
CA GLN A 184 -2.74 -3.33 -16.49
C GLN A 184 -2.43 -4.82 -16.38
N ASN A 185 -3.13 -5.53 -15.49
CA ASN A 185 -2.87 -6.96 -15.25
C ASN A 185 -1.38 -7.23 -15.03
N TYR A 186 -0.69 -6.27 -14.42
CA TYR A 186 0.69 -6.43 -13.98
C TYR A 186 1.65 -6.72 -15.14
N ARG A 187 1.56 -5.94 -16.20
CA ARG A 187 2.45 -6.15 -17.35
C ARG A 187 3.92 -6.05 -16.94
N ASP A 188 4.73 -6.97 -17.48
CA ASP A 188 6.19 -6.99 -17.27
C ASP A 188 6.57 -7.17 -15.81
N LEU A 189 5.65 -7.63 -14.96
CA LEU A 189 5.96 -7.96 -13.59
C LEU A 189 5.73 -9.44 -13.37
N LYS A 190 6.30 -9.96 -12.28
CA LYS A 190 6.19 -11.39 -12.01
C LYS A 190 6.03 -11.68 -10.52
N ASN B 32 -23.31 -7.31 8.72
CA ASN B 32 -23.65 -6.29 7.74
C ASN B 32 -22.45 -5.93 6.85
N ILE B 33 -21.24 -6.19 7.35
CA ILE B 33 -19.99 -5.80 6.70
C ILE B 33 -19.13 -7.04 6.51
N VAL B 34 -18.27 -7.01 5.48
CA VAL B 34 -17.33 -8.11 5.30
C VAL B 34 -16.35 -8.11 6.46
N ALA B 35 -16.15 -9.29 7.07
CA ALA B 35 -15.23 -9.44 8.18
C ALA B 35 -13.83 -9.69 7.62
N LEU B 36 -12.95 -8.69 7.72
CA LEU B 36 -11.57 -8.80 7.26
C LEU B 36 -10.63 -8.83 8.44
N HIS B 37 -9.55 -9.61 8.32
CA HIS B 37 -8.57 -9.76 9.37
C HIS B 37 -7.17 -9.69 8.77
N VAL B 38 -6.27 -8.96 9.42
CA VAL B 38 -4.85 -8.97 9.08
C VAL B 38 -4.10 -9.63 10.23
N VAL B 39 -3.21 -10.58 9.91
CA VAL B 39 -2.45 -11.31 10.92
C VAL B 39 -0.97 -11.04 10.67
N LEU B 40 -0.26 -10.57 11.70
CA LEU B 40 1.18 -10.39 11.61
C LEU B 40 1.86 -11.48 12.43
N TYR B 41 2.64 -12.32 11.76
CA TYR B 41 3.41 -13.37 12.41
C TYR B 41 4.71 -12.79 12.95
N GLN B 42 4.85 -12.80 14.28
CA GLN B 42 6.04 -12.34 14.99
C GLN B 42 6.61 -11.05 14.37
N PRO B 43 5.81 -9.97 14.31
CA PRO B 43 6.31 -8.75 13.70
C PRO B 43 7.52 -8.20 14.46
N GLU B 44 8.46 -7.62 13.71
CA GLU B 44 9.75 -7.23 14.26
C GLU B 44 9.85 -5.73 14.50
N ILE B 45 9.26 -4.91 13.63
CA ILE B 45 9.51 -3.48 13.57
C ILE B 45 8.26 -2.75 14.05
N PRO B 46 8.33 -1.97 15.14
CA PRO B 46 7.10 -1.34 15.64
C PRO B 46 6.45 -0.41 14.64
N ALA B 47 7.26 0.34 13.89
CA ALA B 47 6.70 1.31 12.95
C ALA B 47 5.82 0.60 11.92
N ASN B 48 6.22 -0.60 11.51
CA ASN B 48 5.39 -1.35 10.57
C ASN B 48 4.06 -1.72 11.22
N THR B 49 4.11 -2.23 12.46
CA THR B 49 2.88 -2.66 13.11
C THR B 49 1.99 -1.45 13.37
N GLY B 50 2.59 -0.30 13.68
CA GLY B 50 1.80 0.89 13.94
C GLY B 50 1.08 1.37 12.69
N ASN B 51 1.78 1.39 11.55
CA ASN B 51 1.13 1.76 10.30
C ASN B 51 0.05 0.78 9.90
N ILE B 52 0.27 -0.51 10.16
CA ILE B 52 -0.74 -1.52 9.84
C ILE B 52 -1.97 -1.34 10.73
N ALA B 53 -1.76 -1.06 12.03
CA ALA B 53 -2.90 -0.81 12.91
C ALA B 53 -3.69 0.42 12.47
N ARG B 54 -2.98 1.45 12.00
CA ARG B 54 -3.61 2.63 11.44
C ARG B 54 -4.47 2.27 10.22
N THR B 55 -3.91 1.47 9.31
CA THR B 55 -4.68 0.98 8.17
C THR B 55 -5.87 0.14 8.63
N CYS B 56 -5.69 -0.64 9.68
CA CYS B 56 -6.81 -1.45 10.12
C CYS B 56 -7.91 -0.58 10.69
N ALA B 57 -7.55 0.40 11.54
CA ALA B 57 -8.54 1.34 12.05
C ALA B 57 -9.23 2.11 10.93
N ALA B 58 -8.51 2.43 9.86
CA ALA B 58 -9.07 3.14 8.71
C ALA B 58 -10.09 2.32 7.95
N THR B 59 -10.14 1.00 8.14
CA THR B 59 -10.93 0.15 7.28
C THR B 59 -11.79 -0.85 8.04
N ASN B 60 -11.88 -0.76 9.36
CA ASN B 60 -12.66 -1.71 10.19
C ASN B 60 -12.15 -3.14 10.05
N THR B 61 -10.84 -3.30 9.86
CA THR B 61 -10.20 -4.61 9.78
C THR B 61 -9.66 -4.98 11.16
N THR B 62 -9.82 -6.24 11.55
CA THR B 62 -9.25 -6.73 12.80
C THR B 62 -7.77 -7.04 12.62
N LEU B 63 -6.94 -6.60 13.56
CA LEU B 63 -5.51 -6.86 13.52
C LEU B 63 -5.16 -7.95 14.53
N HIS B 64 -4.55 -9.04 14.07
CA HIS B 64 -4.09 -10.13 14.93
C HIS B 64 -2.57 -10.14 14.96
N LEU B 65 -1.98 -10.07 16.15
CA LEU B 65 -0.53 -10.12 16.34
C LEU B 65 -0.16 -11.44 16.99
N ILE B 66 0.72 -12.21 16.33
CA ILE B 66 1.20 -13.50 16.82
C ILE B 66 2.52 -13.28 17.56
N ARG B 67 2.50 -13.50 18.87
CA ARG B 67 3.69 -13.40 19.70
C ARG B 67 4.67 -14.54 19.38
N PRO B 68 5.97 -14.36 19.69
CA PRO B 68 6.59 -13.21 20.37
C PRO B 68 6.73 -12.02 19.43
N LEU B 69 6.51 -10.81 19.93
CA LEU B 69 6.73 -9.61 19.14
C LEU B 69 8.18 -9.19 19.27
N GLY B 70 8.67 -8.44 18.27
CA GLY B 70 10.01 -7.90 18.31
C GLY B 70 10.16 -6.67 19.16
N PHE B 71 9.07 -6.23 19.79
CA PHE B 71 9.03 -4.96 20.51
C PHE B 71 8.06 -5.12 21.66
N SER B 72 8.13 -4.18 22.60
CA SER B 72 7.18 -4.19 23.70
C SER B 72 5.93 -3.41 23.29
N THR B 73 4.79 -3.87 23.78
CA THR B 73 3.51 -3.27 23.39
C THR B 73 3.21 -2.01 24.20
N PHE B 88 -9.53 2.70 18.32
CA PHE B 88 -10.34 2.49 17.11
C PHE B 88 -9.81 1.33 16.29
N VAL B 89 -8.80 0.65 16.81
CA VAL B 89 -8.24 -0.54 16.19
C VAL B 89 -8.57 -1.73 17.07
N ASN B 90 -9.22 -2.73 16.48
CA ASN B 90 -9.55 -3.99 17.13
C ASN B 90 -8.30 -4.87 17.00
N VAL B 91 -7.50 -4.95 18.07
CA VAL B 91 -6.25 -5.72 18.07
C VAL B 91 -6.40 -6.93 18.99
N VAL B 92 -6.07 -8.11 18.47
CA VAL B 92 -6.09 -9.36 19.23
C VAL B 92 -4.69 -9.94 19.22
N TYR B 93 -4.20 -10.35 20.39
CA TYR B 93 -2.90 -10.99 20.51
C TYR B 93 -3.09 -12.49 20.66
N HIS B 94 -2.22 -13.26 19.99
CA HIS B 94 -2.22 -14.72 20.08
C HIS B 94 -0.81 -15.20 20.35
N ASP B 95 -0.69 -16.32 21.04
CA ASP B 95 0.63 -16.87 21.38
C ASP B 95 1.22 -17.73 20.27
N SER B 96 0.45 -18.05 19.23
CA SER B 96 0.90 -18.94 18.16
C SER B 96 -0.09 -18.88 17.02
N LEU B 97 0.38 -19.21 15.82
CA LEU B 97 -0.56 -19.30 14.70
C LEU B 97 -1.58 -20.40 14.93
N GLU B 98 -1.18 -21.49 15.56
CA GLU B 98 -2.10 -22.60 15.76
C GLU B 98 -3.26 -22.16 16.62
N GLU B 99 -3.00 -21.33 17.64
CA GLU B 99 -4.10 -20.75 18.43
C GLU B 99 -5.06 -20.00 17.53
N LEU B 100 -4.53 -19.23 16.59
CA LEU B 100 -5.41 -18.45 15.72
C LEU B 100 -6.24 -19.37 14.82
N PHE B 101 -5.61 -20.42 14.26
CA PHE B 101 -6.35 -21.33 13.38
C PHE B 101 -7.45 -22.06 14.14
N GLU B 102 -7.18 -22.51 15.37
CA GLU B 102 -8.22 -23.20 16.13
C GLU B 102 -9.29 -22.28 16.64
N ALA B 103 -8.99 -20.99 16.79
CA ALA B 103 -10.00 -20.05 17.27
C ALA B 103 -10.92 -19.57 16.15
N TYR B 104 -10.57 -19.86 14.90
CA TYR B 104 -11.37 -19.51 13.73
C TYR B 104 -11.46 -20.73 12.83
N LYS B 105 -12.05 -21.82 13.34
CA LYS B 105 -12.10 -23.07 12.60
C LYS B 105 -12.74 -22.90 11.22
N LYS B 106 -13.62 -21.92 11.08
CA LYS B 106 -14.35 -21.66 9.84
C LYS B 106 -13.69 -20.58 8.99
N GLY B 107 -12.58 -19.99 9.45
CA GLY B 107 -12.00 -18.86 8.74
C GLY B 107 -11.41 -19.26 7.39
N LYS B 108 -11.33 -18.27 6.50
CA LYS B 108 -10.72 -18.46 5.18
C LYS B 108 -9.34 -17.78 5.21
N PHE B 109 -8.28 -18.58 5.14
CA PHE B 109 -6.94 -18.10 5.42
C PHE B 109 -6.12 -17.99 4.14
N PHE B 110 -5.49 -16.85 3.95
CA PHE B 110 -4.62 -16.58 2.82
C PHE B 110 -3.25 -16.20 3.37
N PHE B 111 -2.21 -16.71 2.73
CA PHE B 111 -0.84 -16.46 3.18
C PHE B 111 -0.14 -15.62 2.14
N ILE B 112 0.45 -14.53 2.57
CA ILE B 112 1.00 -13.53 1.67
C ILE B 112 2.51 -13.77 1.64
N THR B 113 3.01 -14.23 0.50
CA THR B 113 4.39 -14.69 0.43
C THR B 113 4.86 -14.63 -1.00
N LYS B 114 6.17 -14.38 -1.17
CA LYS B 114 6.80 -14.45 -2.48
C LYS B 114 6.72 -15.83 -3.12
N PHE B 115 6.45 -16.87 -2.33
CA PHE B 115 6.30 -18.21 -2.89
C PHE B 115 4.95 -18.41 -3.56
N GLY B 116 3.99 -17.50 -3.35
CA GLY B 116 2.72 -17.64 -4.02
C GLY B 116 2.85 -17.58 -5.53
N GLN B 117 2.00 -18.35 -6.20
CA GLN B 117 2.05 -18.44 -7.65
C GLN B 117 0.81 -17.82 -8.28
N GLN B 118 0.17 -16.90 -7.56
CA GLN B 118 -1.03 -16.21 -7.99
C GLN B 118 -1.05 -14.87 -7.28
N PRO B 119 -1.56 -13.83 -7.91
CA PRO B 119 -1.59 -12.51 -7.27
C PRO B 119 -2.74 -12.41 -6.27
N HIS B 120 -2.62 -11.42 -5.39
CA HIS B 120 -3.63 -11.15 -4.37
C HIS B 120 -5.01 -10.88 -4.96
N THR B 121 -5.10 -10.43 -6.21
CA THR B 121 -6.37 -10.08 -6.81
C THR B 121 -7.12 -11.27 -7.39
N SER B 122 -6.63 -12.50 -7.21
CA SER B 122 -7.24 -13.62 -7.89
C SER B 122 -8.34 -14.30 -7.06
N PHE B 123 -8.62 -13.83 -5.85
CA PHE B 123 -9.69 -14.37 -5.02
C PHE B 123 -10.70 -13.29 -4.70
N ASP B 124 -11.94 -13.72 -4.42
CA ASP B 124 -13.04 -12.84 -4.02
C ASP B 124 -13.03 -12.67 -2.51
N TYR B 125 -13.13 -11.43 -2.05
CA TYR B 125 -13.14 -11.10 -0.63
C TYR B 125 -14.41 -10.37 -0.23
N THR B 126 -15.55 -10.72 -0.84
CA THR B 126 -16.79 -9.98 -0.61
C THR B 126 -17.87 -10.79 0.09
N ASP B 127 -17.66 -12.07 0.37
CA ASP B 127 -18.70 -12.88 1.01
C ASP B 127 -19.01 -12.35 2.41
N LEU B 128 -20.28 -12.04 2.65
CA LEU B 128 -20.68 -11.46 3.92
C LEU B 128 -20.84 -12.49 5.04
N ASP B 129 -20.68 -13.77 4.75
CA ASP B 129 -20.80 -14.79 5.79
C ASP B 129 -19.45 -15.34 6.21
N GLU B 130 -18.35 -14.77 5.73
CA GLU B 130 -17.04 -15.36 5.88
C GLU B 130 -16.11 -14.46 6.68
N ASP B 131 -15.12 -15.05 7.37
CA ASP B 131 -14.04 -14.31 8.00
C ASP B 131 -12.81 -14.53 7.13
N TYR B 132 -12.31 -13.47 6.51
CA TYR B 132 -11.15 -13.53 5.65
C TYR B 132 -9.91 -13.13 6.42
N PHE B 133 -8.85 -13.92 6.30
CA PHE B 133 -7.59 -13.65 6.98
C PHE B 133 -6.47 -13.51 5.95
N PHE B 134 -5.75 -12.40 6.01
CA PHE B 134 -4.49 -12.20 5.30
C PHE B 134 -3.35 -12.30 6.31
N VAL B 135 -2.49 -13.29 6.11
CA VAL B 135 -1.43 -13.62 7.06
C VAL B 135 -0.08 -13.24 6.46
N PHE B 136 0.69 -12.44 7.18
CA PHE B 136 1.94 -11.88 6.71
C PHE B 136 3.07 -12.38 7.60
N GLY B 137 4.24 -12.60 6.99
CA GLY B 137 5.40 -13.09 7.72
C GLY B 137 6.20 -11.98 8.37
N ARG B 138 7.25 -12.38 9.08
CA ARG B 138 8.16 -11.43 9.69
C ARG B 138 8.96 -10.68 8.63
N GLU B 139 9.42 -9.50 9.01
CA GLU B 139 10.12 -8.63 8.06
C GLU B 139 11.42 -9.25 7.58
N THR B 140 12.07 -10.09 8.38
CA THR B 140 13.34 -10.65 7.89
C THR B 140 13.17 -12.00 7.22
N SER B 141 12.29 -12.88 7.74
CA SER B 141 12.30 -14.26 7.32
C SER B 141 10.95 -14.81 6.88
N GLY B 142 9.92 -13.97 6.80
CA GLY B 142 8.70 -14.49 6.22
C GLY B 142 7.89 -15.36 7.18
N LEU B 143 7.11 -16.25 6.61
CA LEU B 143 6.24 -17.18 7.28
C LEU B 143 6.94 -18.50 7.52
N PRO B 144 6.47 -19.31 8.47
CA PRO B 144 7.02 -20.66 8.64
C PRO B 144 6.99 -21.42 7.32
N LYS B 145 8.12 -22.06 6.99
CA LYS B 145 8.23 -22.70 5.70
C LYS B 145 7.22 -23.83 5.55
N ASP B 146 7.02 -24.61 6.62
CA ASP B 146 6.05 -25.70 6.56
C ASP B 146 4.65 -25.19 6.25
N LEU B 147 4.30 -24.02 6.78
CA LEU B 147 2.99 -23.42 6.50
C LEU B 147 2.82 -23.14 5.02
N ILE B 148 3.82 -22.49 4.40
CA ILE B 148 3.73 -22.17 2.99
C ILE B 148 3.65 -23.45 2.15
N GLN B 149 4.46 -24.46 2.48
CA GLN B 149 4.52 -25.66 1.65
C GLN B 149 3.21 -26.42 1.68
N ASN B 150 2.53 -26.43 2.82
CA ASN B 150 1.28 -27.18 2.94
C ASN B 150 0.06 -26.37 2.53
N ASN B 151 0.24 -25.12 2.09
CA ASN B 151 -0.92 -24.26 1.82
C ASN B 151 -0.70 -23.42 0.56
N MET B 152 -0.06 -23.99 -0.44
CA MET B 152 0.34 -23.18 -1.59
C MET B 152 -0.86 -22.72 -2.41
N ASP B 153 -1.98 -23.44 -2.33
CA ASP B 153 -3.18 -23.04 -3.05
C ASP B 153 -3.83 -21.77 -2.49
N ARG B 154 -3.46 -21.35 -1.27
CA ARG B 154 -3.94 -20.13 -0.66
C ARG B 154 -2.82 -19.10 -0.48
N CYS B 155 -1.76 -19.23 -1.26
CA CYS B 155 -0.57 -18.43 -1.07
C CYS B 155 -0.63 -17.33 -2.12
N LEU B 156 -0.47 -16.07 -1.70
CA LEU B 156 -0.67 -14.93 -2.59
C LEU B 156 0.60 -14.12 -2.70
N ARG B 157 0.97 -13.75 -3.92
CA ARG B 157 2.19 -12.97 -4.15
C ARG B 157 1.84 -11.67 -4.87
N LEU B 158 2.37 -10.57 -4.36
CA LEU B 158 2.30 -9.29 -5.07
C LEU B 158 3.28 -9.28 -6.23
N PRO B 159 2.82 -9.06 -7.47
CA PRO B 159 3.77 -9.02 -8.60
C PRO B 159 4.74 -7.86 -8.43
N MET B 160 6.02 -8.12 -8.73
CA MET B 160 7.03 -7.08 -8.71
C MET B 160 8.07 -7.35 -9.80
N THR B 161 8.98 -6.39 -9.96
CA THR B 161 10.11 -6.57 -10.85
C THR B 161 11.15 -7.47 -10.19
N GLU B 162 12.14 -7.87 -10.99
CA GLU B 162 13.26 -8.60 -10.40
C GLU B 162 14.18 -7.70 -9.60
N HIS B 163 13.94 -6.40 -9.58
CA HIS B 163 14.85 -5.45 -8.97
C HIS B 163 14.81 -5.48 -7.44
N VAL B 164 13.71 -5.96 -6.87
CA VAL B 164 13.44 -5.80 -5.45
C VAL B 164 13.11 -7.16 -4.86
N ARG B 165 13.64 -7.44 -3.66
CA ARG B 165 13.35 -8.71 -3.02
C ARG B 165 11.92 -8.74 -2.47
N SER B 166 11.45 -7.64 -1.93
CA SER B 166 10.11 -7.60 -1.35
C SER B 166 9.70 -6.15 -1.14
N LEU B 167 8.41 -5.95 -0.93
CA LEU B 167 7.88 -4.66 -0.48
C LEU B 167 7.95 -4.55 1.04
N ASN B 168 7.85 -3.31 1.52
CA ASN B 168 7.70 -3.09 2.95
C ASN B 168 6.45 -3.84 3.45
N LEU B 169 6.53 -4.36 4.68
CA LEU B 169 5.43 -5.16 5.23
C LEU B 169 4.15 -4.33 5.31
N SER B 170 4.24 -3.11 5.86
CA SER B 170 3.04 -2.30 5.99
C SER B 170 2.42 -1.95 4.64
N ASN B 171 3.26 -1.68 3.64
CA ASN B 171 2.75 -1.40 2.29
C ASN B 171 2.00 -2.60 1.72
N THR B 172 2.55 -3.79 1.93
CA THR B 172 1.89 -5.01 1.45
C THR B 172 0.53 -5.19 2.11
N ALA B 173 0.44 -4.98 3.42
CA ALA B 173 -0.83 -5.17 4.11
C ALA B 173 -1.85 -4.12 3.67
N ALA B 174 -1.40 -2.89 3.39
CA ALA B 174 -2.34 -1.88 2.92
C ALA B 174 -2.88 -2.25 1.55
N ILE B 175 -2.02 -2.79 0.68
CA ILE B 175 -2.46 -3.18 -0.66
C ILE B 175 -3.50 -4.28 -0.59
N LEU B 176 -3.26 -5.29 0.26
CA LEU B 176 -4.21 -6.38 0.39
C LEU B 176 -5.56 -5.87 0.90
N VAL B 177 -5.53 -5.06 1.97
CA VAL B 177 -6.78 -4.60 2.56
C VAL B 177 -7.57 -3.77 1.54
N TYR B 178 -6.91 -2.83 0.85
CA TYR B 178 -7.65 -1.99 -0.09
C TYR B 178 -8.05 -2.74 -1.36
N GLU B 179 -7.38 -3.85 -1.69
CA GLU B 179 -7.91 -4.72 -2.73
C GLU B 179 -9.26 -5.30 -2.32
N ALA B 180 -9.36 -5.81 -1.09
CA ALA B 180 -10.63 -6.35 -0.63
C ALA B 180 -11.70 -5.27 -0.62
N LEU B 181 -11.33 -4.07 -0.15
CA LEU B 181 -12.27 -2.95 -0.09
C LEU B 181 -12.72 -2.54 -1.50
N ARG B 182 -11.79 -2.52 -2.45
CA ARG B 182 -12.14 -2.21 -3.84
C ARG B 182 -13.20 -3.18 -4.35
N GLN B 183 -13.05 -4.45 -4.06
CA GLN B 183 -13.97 -5.45 -4.56
C GLN B 183 -15.37 -5.22 -4.01
N GLN B 184 -15.46 -4.60 -2.85
CA GLN B 184 -16.71 -4.29 -2.14
C GLN B 184 -17.26 -2.92 -2.51
N ASN B 185 -16.56 -2.21 -3.40
CA ASN B 185 -16.83 -0.80 -3.69
C ASN B 185 -16.89 0.01 -2.40
N TYR B 186 -16.07 -0.37 -1.42
CA TYR B 186 -15.86 0.42 -0.20
C TYR B 186 -17.13 0.63 0.63
N ARG B 187 -18.05 -0.33 0.62
CA ARG B 187 -19.22 -0.23 1.52
C ARG B 187 -18.77 -0.06 2.97
N ASP B 188 -19.38 0.92 3.65
CA ASP B 188 -19.16 1.34 5.06
C ASP B 188 -18.15 2.47 5.18
N LEU B 189 -17.55 2.92 4.08
CA LEU B 189 -16.45 3.87 4.14
C LEU B 189 -16.78 5.12 3.34
N LYS B 190 -15.92 6.13 3.49
CA LYS B 190 -16.04 7.37 2.73
C LYS B 190 -14.68 8.02 2.52
#